data_1LAN
#
_entry.id   1LAN
#
_cell.length_a   131.200
_cell.length_b   131.200
_cell.length_c   120.900
_cell.angle_alpha   90.00
_cell.angle_beta   90.00
_cell.angle_gamma   120.00
#
_symmetry.space_group_name_H-M   'P 63 2 2'
#
loop_
_entity.id
_entity.type
_entity.pdbx_description
1 polymer 'LEUCINE AMINOPEPTIDASE'
2 non-polymer 'ZINC ION'
3 non-polymer LEUCINE
4 non-polymer (4R)-2-METHYLPENTANE-2,4-DIOL
5 water water
#
_entity_poly.entity_id   1
_entity_poly.type   'polypeptide(L)'
_entity_poly.pdbx_seq_one_letter_code
;TKGLVLGIYSKEKEEDEPQFTSAGENFNKLVSGKLREILNISGPPLKAGKTRTFYGLHEDFPSVVVVGLGKKTAGIDEQE
NWHEGKENIRAAVAAGCRQIQDLEIPSVEVDPCGDAQAAAEGAVLGLYEYDDLKQKRKVVVSAKLHGSEDQEAWQRGVLF
ASGQNLARRLMETPANEMTPTKFAEIVEENLKSASIKTDVFIRPKSWIEEQEMGSFLSVAKGSEEPPVFLEIHYKGSPNA
SEPPLVFVGKGITFDSGGISIKAAANMDLMRADMGGAATICSAIVSAAKLDLPINIVGLAPLCENMPSGKANKPGDVVRA
RNGKTIQVDNTDAEGRLILADALCYAHTFNPKVIINAATLTGAMDIALGSGATGVFTNSSWLWNKLFEASIETGDRVWRM
PLFEHYTRQVIDCQLADVNNIGKYRSAGACTAAAFLKEFVTHPKWAHLDIAGVMTNKDEVPYLRKGMAGRPTRTLIEFLF
RFSQ
;
_entity_poly.pdbx_strand_id   A
#
loop_
_chem_comp.id
_chem_comp.type
_chem_comp.name
_chem_comp.formula
MRD non-polymer (4R)-2-METHYLPENTANE-2,4-DIOL 'C6 H14 O2'
ZN non-polymer 'ZINC ION' 'Zn 2'
#
# COMPACT_ATOMS: atom_id res chain seq x y z
N THR A 1 5.41 -9.33 -31.90
CA THR A 1 5.60 -10.67 -31.26
C THR A 1 6.08 -10.48 -29.79
N LYS A 2 7.40 -10.29 -29.62
CA LYS A 2 8.03 -10.13 -28.33
C LYS A 2 8.89 -8.87 -28.29
N GLY A 3 8.74 -8.10 -27.20
CA GLY A 3 9.49 -6.87 -27.00
C GLY A 3 10.65 -7.06 -26.02
N LEU A 4 11.58 -6.11 -26.00
CA LEU A 4 12.73 -6.19 -25.12
C LEU A 4 13.06 -4.82 -24.51
N VAL A 5 13.22 -4.79 -23.19
CA VAL A 5 13.57 -3.56 -22.47
C VAL A 5 15.00 -3.74 -21.95
N LEU A 6 15.90 -2.85 -22.35
CA LEU A 6 17.31 -2.89 -21.93
C LEU A 6 17.71 -1.58 -21.24
N GLY A 7 18.57 -1.68 -20.23
CA GLY A 7 19.00 -0.49 -19.51
C GLY A 7 20.40 0.00 -19.86
N ILE A 8 20.62 1.31 -19.70
CA ILE A 8 21.92 1.93 -19.96
C ILE A 8 22.12 2.96 -18.85
N TYR A 9 23.32 3.01 -18.32
CA TYR A 9 23.64 3.95 -17.25
C TYR A 9 24.09 5.29 -17.80
N SER A 10 24.17 6.29 -16.91
CA SER A 10 24.65 7.61 -17.28
C SER A 10 26.17 7.49 -17.33
N LYS A 11 26.79 8.20 -18.25
CA LYS A 11 28.24 8.13 -18.39
C LYS A 11 28.96 8.78 -17.23
N GLU A 12 29.97 8.09 -16.71
CA GLU A 12 30.80 8.61 -15.63
C GLU A 12 31.90 9.41 -16.32
N LYS A 13 32.49 10.35 -15.58
CA LYS A 13 33.54 11.22 -16.11
C LYS A 13 34.70 10.58 -16.91
N GLU A 14 35.35 9.56 -16.35
CA GLU A 14 36.46 8.95 -17.04
C GLU A 14 36.09 7.82 -18.01
N GLU A 15 34.81 7.75 -18.39
CA GLU A 15 34.33 6.77 -19.36
C GLU A 15 34.25 7.47 -20.70
N ASP A 16 34.32 6.70 -21.79
CA ASP A 16 34.26 7.28 -23.12
C ASP A 16 32.85 7.30 -23.67
N GLU A 17 31.99 6.46 -23.10
CA GLU A 17 30.60 6.35 -23.52
C GLU A 17 29.81 5.72 -22.38
N PRO A 18 28.50 6.00 -22.34
CA PRO A 18 27.66 5.43 -21.28
C PRO A 18 27.68 3.90 -21.40
N GLN A 19 27.70 3.22 -20.25
CA GLN A 19 27.76 1.77 -20.24
C GLN A 19 26.42 1.09 -20.15
N PHE A 20 26.27 0.04 -20.94
CA PHE A 20 25.06 -0.77 -20.94
C PHE A 20 25.14 -1.70 -19.73
N THR A 21 24.04 -2.38 -19.45
CA THR A 21 24.04 -3.35 -18.38
C THR A 21 24.67 -4.58 -19.06
N SER A 22 24.81 -5.67 -18.31
CA SER A 22 25.34 -6.90 -18.85
C SER A 22 24.48 -7.41 -20.03
N ALA A 23 23.16 -7.44 -19.84
CA ALA A 23 22.24 -7.87 -20.89
C ALA A 23 22.28 -6.92 -22.12
N GLY A 24 22.45 -5.63 -21.87
CA GLY A 24 22.52 -4.66 -22.94
C GLY A 24 23.76 -4.86 -23.79
N GLU A 25 24.91 -5.00 -23.13
CA GLU A 25 26.18 -5.21 -23.86
C GLU A 25 26.14 -6.51 -24.63
N ASN A 26 25.58 -7.55 -24.04
CA ASN A 26 25.46 -8.82 -24.73
C ASN A 26 24.56 -8.72 -25.96
N PHE A 27 23.42 -8.04 -25.82
CA PHE A 27 22.51 -7.91 -26.95
C PHE A 27 23.20 -7.17 -28.09
N ASN A 28 23.89 -6.11 -27.74
CA ASN A 28 24.61 -5.33 -28.72
C ASN A 28 25.56 -6.27 -29.52
N LYS A 29 26.22 -7.17 -28.81
CA LYS A 29 27.13 -8.15 -29.43
C LYS A 29 26.39 -9.10 -30.37
N LEU A 30 25.22 -9.53 -29.94
CA LEU A 30 24.41 -10.45 -30.73
C LEU A 30 24.02 -9.81 -32.06
N VAL A 31 23.86 -8.50 -32.07
CA VAL A 31 23.48 -7.80 -33.28
C VAL A 31 24.66 -7.07 -33.91
N SER A 32 25.85 -7.58 -33.63
CA SER A 32 27.09 -7.07 -34.17
C SER A 32 27.35 -5.57 -33.98
N GLY A 33 27.02 -5.03 -32.82
CA GLY A 33 27.24 -3.61 -32.56
C GLY A 33 26.15 -2.68 -33.09
N LYS A 34 25.12 -3.25 -33.68
CA LYS A 34 24.03 -2.48 -34.25
C LYS A 34 23.26 -1.61 -33.24
N LEU A 35 23.16 -2.06 -32.00
CA LEU A 35 22.45 -1.29 -30.97
C LEU A 35 23.21 0.00 -30.60
N ARG A 36 24.51 -0.14 -30.33
CA ARG A 36 25.32 1.01 -29.99
C ARG A 36 25.34 2.00 -31.16
N GLU A 37 25.49 1.48 -32.37
CA GLU A 37 25.53 2.35 -33.53
C GLU A 37 24.26 3.18 -33.70
N ILE A 38 23.10 2.55 -33.55
CA ILE A 38 21.83 3.27 -33.72
C ILE A 38 21.57 4.25 -32.56
N LEU A 39 21.99 3.88 -31.34
CA LEU A 39 21.81 4.77 -30.19
C LEU A 39 22.68 6.01 -30.42
N ASN A 40 23.89 5.82 -30.94
CA ASN A 40 24.77 6.97 -31.20
C ASN A 40 24.17 7.90 -32.24
N ILE A 41 23.60 7.33 -33.30
CA ILE A 41 22.96 8.10 -34.38
C ILE A 41 21.71 8.88 -33.91
N SER A 42 20.94 8.28 -33.00
CA SER A 42 19.70 8.88 -32.51
C SER A 42 19.81 10.19 -31.75
N GLY A 43 20.99 10.54 -31.26
CA GLY A 43 21.13 11.81 -30.56
C GLY A 43 21.68 11.86 -29.15
N PRO A 44 21.07 12.68 -28.29
CA PRO A 44 21.50 12.86 -26.89
C PRO A 44 21.45 11.55 -26.10
N PRO A 45 22.29 11.45 -25.05
CA PRO A 45 22.29 10.24 -24.24
C PRO A 45 21.02 10.18 -23.39
N LEU A 46 20.67 8.97 -22.95
CA LEU A 46 19.49 8.74 -22.15
C LEU A 46 19.73 8.99 -20.67
N LYS A 47 18.93 9.89 -20.09
CA LYS A 47 19.05 10.20 -18.67
C LYS A 47 18.06 9.35 -17.87
N ALA A 48 18.22 9.34 -16.55
CA ALA A 48 17.36 8.55 -15.66
C ALA A 48 15.85 8.66 -15.96
N GLY A 49 15.20 7.52 -16.18
CA GLY A 49 13.78 7.52 -16.44
C GLY A 49 13.35 7.74 -17.88
N LYS A 50 14.28 8.13 -18.75
CA LYS A 50 13.97 8.39 -20.17
C LYS A 50 14.10 7.12 -21.00
N THR A 51 13.39 7.07 -22.13
CA THR A 51 13.41 5.89 -23.01
C THR A 51 13.53 6.25 -24.49
N ARG A 52 13.96 5.27 -25.28
CA ARG A 52 14.07 5.44 -26.74
C ARG A 52 13.84 4.06 -27.36
N THR A 53 13.08 4.03 -28.45
CA THR A 53 12.73 2.77 -29.13
C THR A 53 13.45 2.61 -30.48
N PHE A 54 13.99 1.40 -30.69
CA PHE A 54 14.71 1.07 -31.91
C PHE A 54 14.05 -0.13 -32.57
N TYR A 55 13.80 -0.03 -33.88
CA TYR A 55 13.12 -1.08 -34.63
C TYR A 55 13.98 -1.98 -35.54
N GLY A 56 13.54 -3.21 -35.70
CA GLY A 56 14.20 -4.16 -36.57
C GLY A 56 15.63 -4.59 -36.28
N LEU A 57 16.09 -4.45 -35.05
CA LEU A 57 17.46 -4.85 -34.72
C LEU A 57 17.69 -6.35 -34.71
N HIS A 58 16.65 -7.11 -34.42
CA HIS A 58 16.75 -8.56 -34.35
C HIS A 58 15.39 -9.16 -34.71
N GLU A 59 15.39 -10.26 -35.45
CA GLU A 59 14.13 -10.86 -35.88
C GLU A 59 13.23 -11.29 -34.73
N ASP A 60 13.80 -11.58 -33.57
CA ASP A 60 13.01 -12.00 -32.42
C ASP A 60 12.51 -10.80 -31.61
N PHE A 61 13.16 -9.65 -31.78
CA PHE A 61 12.80 -8.43 -31.03
C PHE A 61 12.67 -7.25 -31.97
N PRO A 62 11.55 -7.15 -32.71
CA PRO A 62 11.29 -6.06 -33.66
C PRO A 62 11.23 -4.68 -33.02
N SER A 63 10.98 -4.61 -31.70
CA SER A 63 10.94 -3.36 -30.95
C SER A 63 11.84 -3.51 -29.73
N VAL A 64 12.86 -2.67 -29.63
CA VAL A 64 13.76 -2.69 -28.48
C VAL A 64 13.74 -1.31 -27.83
N VAL A 65 13.35 -1.27 -26.57
CA VAL A 65 13.28 -0.02 -25.82
C VAL A 65 14.43 0.05 -24.81
N VAL A 66 15.33 1.02 -25.02
CA VAL A 66 16.46 1.23 -24.12
C VAL A 66 16.03 2.29 -23.08
N VAL A 67 16.30 2.01 -21.81
CA VAL A 67 15.92 2.90 -20.71
C VAL A 67 17.12 3.40 -19.90
N GLY A 68 17.06 4.67 -19.50
CA GLY A 68 18.11 5.30 -18.72
C GLY A 68 18.03 4.92 -17.26
N LEU A 69 19.12 4.39 -16.73
CA LEU A 69 19.18 3.96 -15.34
C LEU A 69 19.81 4.94 -14.36
N GLY A 70 20.33 6.08 -14.86
CA GLY A 70 20.96 7.03 -13.97
C GLY A 70 22.35 6.53 -13.62
N LYS A 71 22.91 6.97 -12.49
CA LYS A 71 24.27 6.55 -12.08
C LYS A 71 24.35 5.14 -11.50
N LYS A 72 25.25 4.33 -12.07
CA LYS A 72 25.43 2.92 -11.68
C LYS A 72 25.66 2.64 -10.22
N THR A 73 26.41 3.51 -9.54
CA THR A 73 26.70 3.28 -8.15
C THR A 73 25.80 4.03 -7.16
N ALA A 74 24.58 4.35 -7.57
CA ALA A 74 23.64 5.01 -6.70
C ALA A 74 23.20 4.01 -5.60
N GLY A 75 23.46 4.35 -4.34
CA GLY A 75 23.09 3.49 -3.24
C GLY A 75 22.11 4.25 -2.37
N ILE A 76 22.22 4.10 -1.06
CA ILE A 76 21.32 4.79 -0.13
C ILE A 76 21.55 6.30 -0.14
N ASP A 77 20.47 7.05 -0.38
CA ASP A 77 20.50 8.51 -0.41
C ASP A 77 20.12 9.01 0.97
N GLU A 78 21.07 9.63 1.64
CA GLU A 78 20.84 10.15 2.97
C GLU A 78 19.79 11.26 3.02
N GLN A 79 19.68 12.06 1.96
CA GLN A 79 18.69 13.15 1.92
C GLN A 79 17.27 12.58 1.77
N GLU A 80 17.13 11.58 0.91
CA GLU A 80 15.84 11.00 0.59
C GLU A 80 15.38 9.79 1.39
N ASN A 81 16.25 9.24 2.23
CA ASN A 81 15.90 8.08 3.05
C ASN A 81 15.43 6.89 2.20
N TRP A 82 16.13 6.63 1.10
CA TRP A 82 15.81 5.48 0.27
C TRP A 82 17.00 5.04 -0.56
N HIS A 83 16.89 3.87 -1.16
CA HIS A 83 17.95 3.37 -2.02
C HIS A 83 17.65 3.98 -3.40
N GLU A 84 18.43 4.97 -3.79
CA GLU A 84 18.23 5.64 -5.07
C GLU A 84 18.33 4.70 -6.29
N GLY A 85 19.31 3.81 -6.29
CA GLY A 85 19.51 2.89 -7.39
C GLY A 85 18.25 2.12 -7.69
N LYS A 86 17.62 1.55 -6.66
CA LYS A 86 16.39 0.77 -6.84
C LYS A 86 15.25 1.63 -7.43
N GLU A 87 15.15 2.88 -6.98
CA GLU A 87 14.12 3.80 -7.46
C GLU A 87 14.31 4.13 -8.95
N ASN A 88 15.56 4.30 -9.36
CA ASN A 88 15.87 4.59 -10.76
C ASN A 88 15.45 3.42 -11.64
N ILE A 89 15.75 2.21 -11.17
CA ILE A 89 15.41 0.96 -11.87
C ILE A 89 13.89 0.79 -12.01
N ARG A 90 13.15 0.87 -10.90
CA ARG A 90 11.68 0.76 -10.93
C ARG A 90 11.05 1.75 -11.93
N ALA A 91 11.48 3.00 -11.88
CA ALA A 91 10.93 4.02 -12.77
C ALA A 91 11.30 3.79 -14.23
N ALA A 92 12.56 3.46 -14.50
CA ALA A 92 13.01 3.24 -15.88
C ALA A 92 12.35 2.04 -16.54
N VAL A 93 12.22 0.96 -15.78
CA VAL A 93 11.59 -0.24 -16.31
C VAL A 93 10.10 -0.03 -16.58
N ALA A 94 9.41 0.70 -15.69
CA ALA A 94 7.98 0.98 -15.88
C ALA A 94 7.77 1.75 -17.18
N ALA A 95 8.60 2.76 -17.40
CA ALA A 95 8.53 3.57 -18.61
C ALA A 95 8.76 2.71 -19.86
N GLY A 96 9.74 1.82 -19.80
CA GLY A 96 10.03 0.96 -20.93
C GLY A 96 8.85 0.05 -21.24
N CYS A 97 8.32 -0.57 -20.21
CA CYS A 97 7.19 -1.48 -20.36
C CYS A 97 5.96 -0.81 -20.95
N ARG A 98 5.67 0.41 -20.52
CA ARG A 98 4.52 1.13 -21.06
C ARG A 98 4.69 1.46 -22.55
N GLN A 99 5.92 1.74 -22.98
CA GLN A 99 6.16 2.03 -24.39
C GLN A 99 5.88 0.74 -25.21
N ILE A 100 6.23 -0.40 -24.63
CA ILE A 100 5.97 -1.69 -25.28
C ILE A 100 4.46 -1.91 -25.36
N GLN A 101 3.75 -1.55 -24.29
CA GLN A 101 2.29 -1.69 -24.27
C GLN A 101 1.62 -0.77 -25.30
N ASP A 102 2.12 0.46 -25.46
CA ASP A 102 1.54 1.41 -26.41
C ASP A 102 1.70 0.91 -27.84
N LEU A 103 2.75 0.12 -28.06
CA LEU A 103 3.05 -0.51 -29.35
C LEU A 103 2.15 -1.74 -29.55
N GLU A 104 1.36 -2.06 -28.53
CA GLU A 104 0.42 -3.18 -28.56
C GLU A 104 1.06 -4.57 -28.63
N ILE A 105 2.25 -4.70 -28.05
CA ILE A 105 2.98 -5.97 -28.01
C ILE A 105 2.54 -6.73 -26.74
N PRO A 106 2.04 -7.96 -26.90
CA PRO A 106 1.57 -8.79 -25.79
C PRO A 106 2.62 -9.34 -24.81
N SER A 107 3.88 -9.39 -25.20
CA SER A 107 4.89 -9.89 -24.26
C SER A 107 6.22 -9.17 -24.33
N VAL A 108 6.82 -8.98 -23.16
CA VAL A 108 8.09 -8.27 -23.07
C VAL A 108 9.09 -9.03 -22.17
N GLU A 109 10.36 -8.97 -22.55
CA GLU A 109 11.43 -9.58 -21.74
C GLU A 109 12.16 -8.39 -21.12
N VAL A 110 12.42 -8.46 -19.82
CA VAL A 110 13.06 -7.36 -19.11
C VAL A 110 14.45 -7.61 -18.54
N ASP A 111 15.33 -6.66 -18.81
CA ASP A 111 16.72 -6.64 -18.34
C ASP A 111 16.67 -6.54 -16.82
N PRO A 112 17.42 -7.41 -16.10
CA PRO A 112 17.41 -7.38 -14.63
C PRO A 112 18.02 -6.10 -14.04
N CYS A 113 18.76 -5.38 -14.88
CA CYS A 113 19.38 -4.09 -14.52
C CYS A 113 20.18 -4.10 -13.22
N GLY A 114 20.89 -5.17 -12.96
CA GLY A 114 21.69 -5.27 -11.75
C GLY A 114 20.90 -5.49 -10.46
N ASP A 115 19.58 -5.54 -10.56
CA ASP A 115 18.75 -5.74 -9.38
C ASP A 115 17.41 -6.20 -9.91
N ALA A 116 17.28 -7.52 -10.11
CA ALA A 116 16.07 -8.11 -10.65
C ALA A 116 14.79 -7.88 -9.86
N GLN A 117 14.88 -7.78 -8.54
CA GLN A 117 13.67 -7.54 -7.75
C GLN A 117 13.09 -6.16 -8.08
N ALA A 118 13.94 -5.14 -8.14
CA ALA A 118 13.51 -3.78 -8.46
C ALA A 118 13.00 -3.68 -9.92
N ALA A 119 13.67 -4.37 -10.85
CA ALA A 119 13.24 -4.37 -12.26
C ALA A 119 11.85 -4.99 -12.34
N ALA A 120 11.64 -6.09 -11.61
CA ALA A 120 10.34 -6.77 -11.59
C ALA A 120 9.26 -5.87 -11.00
N GLU A 121 9.60 -5.15 -9.94
CA GLU A 121 8.66 -4.25 -9.30
C GLU A 121 8.24 -3.13 -10.26
N GLY A 122 9.20 -2.62 -11.03
CA GLY A 122 8.89 -1.57 -11.99
C GLY A 122 7.96 -2.06 -13.10
N ALA A 123 8.22 -3.26 -13.63
CA ALA A 123 7.41 -3.84 -14.69
C ALA A 123 5.98 -4.14 -14.25
N VAL A 124 5.85 -4.84 -13.11
CA VAL A 124 4.57 -5.23 -12.55
C VAL A 124 3.74 -4.05 -12.00
N LEU A 125 4.38 -3.13 -11.29
CA LEU A 125 3.66 -1.97 -10.78
C LEU A 125 3.35 -1.02 -11.96
N GLY A 126 4.31 -0.91 -12.87
CA GLY A 126 4.18 -0.04 -14.03
C GLY A 126 3.09 -0.37 -15.03
N LEU A 127 2.91 -1.65 -15.32
CA LEU A 127 1.90 -2.07 -16.28
C LEU A 127 0.47 -2.14 -15.74
N TYR A 128 0.32 -2.20 -14.40
CA TYR A 128 -1.01 -2.32 -13.80
C TYR A 128 -1.99 -1.22 -14.17
N GLU A 129 -3.26 -1.62 -14.28
CA GLU A 129 -4.33 -0.70 -14.61
C GLU A 129 -5.66 -1.41 -14.30
N TYR A 130 -6.56 -0.76 -13.56
CA TYR A 130 -7.86 -1.35 -13.26
C TYR A 130 -8.84 -1.00 -14.41
N ASP A 131 -9.12 -1.97 -15.28
CA ASP A 131 -9.99 -1.74 -16.43
C ASP A 131 -11.07 -2.81 -16.63
N ASP A 132 -11.41 -3.49 -15.56
CA ASP A 132 -12.43 -4.54 -15.60
C ASP A 132 -13.77 -4.04 -16.13
N LEU A 133 -14.10 -2.78 -15.85
CA LEU A 133 -15.40 -2.28 -16.24
C LEU A 133 -15.45 -1.46 -17.51
N LYS A 134 -14.40 -1.54 -18.32
CA LYS A 134 -14.34 -0.78 -19.57
C LYS A 134 -14.32 -1.69 -20.79
N GLN A 135 -14.92 -1.22 -21.89
CA GLN A 135 -14.94 -1.95 -23.14
C GLN A 135 -13.60 -1.71 -23.85
N LYS A 136 -13.11 -0.47 -23.79
CA LYS A 136 -11.84 -0.10 -24.40
C LYS A 136 -10.73 -0.36 -23.38
N ARG A 137 -9.84 -1.29 -23.72
CA ARG A 137 -8.74 -1.63 -22.84
C ARG A 137 -7.44 -1.70 -23.61
N LYS A 138 -6.33 -1.56 -22.90
CA LYS A 138 -5.00 -1.65 -23.50
C LYS A 138 -4.68 -3.14 -23.56
N VAL A 139 -3.72 -3.50 -24.40
CA VAL A 139 -3.29 -4.88 -24.56
C VAL A 139 -2.72 -5.39 -23.25
N VAL A 140 -2.98 -6.66 -22.94
CA VAL A 140 -2.46 -7.30 -21.74
C VAL A 140 -1.01 -7.70 -22.06
N VAL A 141 -0.06 -7.20 -21.26
CA VAL A 141 1.35 -7.49 -21.46
C VAL A 141 1.90 -8.47 -20.45
N SER A 142 2.55 -9.51 -20.93
CA SER A 142 3.17 -10.51 -20.07
C SER A 142 4.65 -10.14 -19.98
N ALA A 143 5.11 -9.81 -18.78
CA ALA A 143 6.49 -9.43 -18.61
C ALA A 143 7.26 -10.56 -17.95
N LYS A 144 8.43 -10.87 -18.49
CA LYS A 144 9.25 -11.94 -17.94
C LYS A 144 10.69 -11.48 -17.91
N LEU A 145 11.49 -12.16 -17.09
CA LEU A 145 12.90 -11.86 -16.94
C LEU A 145 13.67 -12.23 -18.22
N HIS A 146 14.58 -11.36 -18.66
CA HIS A 146 15.42 -11.66 -19.82
C HIS A 146 16.62 -12.40 -19.23
N GLY A 147 16.80 -13.68 -19.57
CA GLY A 147 17.89 -14.46 -19.03
C GLY A 147 17.37 -15.46 -17.99
N SER A 148 18.27 -16.28 -17.45
CA SER A 148 17.89 -17.30 -16.47
C SER A 148 18.68 -17.21 -15.17
N GLU A 149 19.47 -16.14 -15.04
CA GLU A 149 20.26 -15.94 -13.84
C GLU A 149 19.42 -15.10 -12.89
N ASP A 150 19.58 -15.35 -11.60
CA ASP A 150 18.79 -14.70 -10.55
C ASP A 150 17.27 -14.57 -10.76
N GLN A 151 16.66 -15.73 -10.86
CA GLN A 151 15.23 -15.85 -11.04
C GLN A 151 14.49 -15.62 -9.73
N GLU A 152 15.10 -15.97 -8.59
CA GLU A 152 14.46 -15.79 -7.29
C GLU A 152 14.28 -14.31 -6.95
N ALA A 153 15.25 -13.48 -7.32
CA ALA A 153 15.15 -12.05 -7.06
C ALA A 153 14.00 -11.50 -7.91
N TRP A 154 13.94 -11.91 -9.19
CA TRP A 154 12.88 -11.44 -10.07
C TRP A 154 11.52 -11.79 -9.51
N GLN A 155 11.37 -13.04 -9.12
CA GLN A 155 10.11 -13.50 -8.59
C GLN A 155 9.74 -12.81 -7.27
N ARG A 156 10.73 -12.46 -6.45
CA ARG A 156 10.45 -11.78 -5.19
C ARG A 156 9.80 -10.45 -5.52
N GLY A 157 10.31 -9.82 -6.57
CA GLY A 157 9.80 -8.54 -7.03
C GLY A 157 8.36 -8.62 -7.55
N VAL A 158 8.06 -9.67 -8.31
CA VAL A 158 6.71 -9.88 -8.81
C VAL A 158 5.74 -10.08 -7.63
N LEU A 159 6.19 -10.80 -6.61
CA LEU A 159 5.40 -11.09 -5.41
C LEU A 159 5.06 -9.80 -4.66
N PHE A 160 6.09 -9.01 -4.34
CA PHE A 160 5.91 -7.74 -3.65
C PHE A 160 4.96 -6.81 -4.41
N ALA A 161 5.23 -6.64 -5.71
CA ALA A 161 4.40 -5.78 -6.57
C ALA A 161 2.96 -6.30 -6.73
N SER A 162 2.80 -7.62 -6.80
CA SER A 162 1.47 -8.19 -6.93
C SER A 162 0.67 -7.91 -5.66
N GLY A 163 1.37 -7.88 -4.53
CA GLY A 163 0.73 -7.58 -3.26
C GLY A 163 0.19 -6.16 -3.28
N GLN A 164 1.01 -5.21 -3.71
CA GLN A 164 0.57 -3.82 -3.79
C GLN A 164 -0.54 -3.62 -4.82
N ASN A 165 -0.49 -4.37 -5.92
CA ASN A 165 -1.50 -4.29 -6.99
C ASN A 165 -2.86 -4.77 -6.53
N LEU A 166 -2.88 -5.76 -5.64
CA LEU A 166 -4.15 -6.24 -5.09
C LEU A 166 -4.78 -5.12 -4.24
N ALA A 167 -3.96 -4.46 -3.42
CA ALA A 167 -4.43 -3.34 -2.59
C ALA A 167 -4.99 -2.25 -3.49
N ARG A 168 -4.34 -2.03 -4.64
CA ARG A 168 -4.79 -1.00 -5.60
C ARG A 168 -6.14 -1.35 -6.18
N ARG A 169 -6.30 -2.61 -6.60
CA ARG A 169 -7.56 -3.10 -7.17
C ARG A 169 -8.70 -2.96 -6.15
N LEU A 170 -8.45 -3.39 -4.93
CA LEU A 170 -9.46 -3.29 -3.86
C LEU A 170 -9.87 -1.84 -3.62
N MET A 171 -8.90 -0.93 -3.66
CA MET A 171 -9.16 0.48 -3.44
C MET A 171 -9.85 1.16 -4.61
N GLU A 172 -9.40 0.84 -5.83
CA GLU A 172 -9.95 1.45 -7.03
C GLU A 172 -11.39 1.03 -7.34
N THR A 173 -11.71 -0.22 -7.08
CA THR A 173 -13.06 -0.78 -7.34
C THR A 173 -14.21 0.06 -6.77
N PRO A 174 -15.21 0.42 -7.60
CA PRO A 174 -16.35 1.22 -7.13
C PRO A 174 -17.01 0.61 -5.90
N ALA A 175 -17.43 1.45 -4.96
CA ALA A 175 -18.05 0.98 -3.71
C ALA A 175 -19.30 0.10 -3.85
N ASN A 176 -20.10 0.31 -4.90
CA ASN A 176 -21.28 -0.52 -5.05
C ASN A 176 -20.91 -1.98 -5.38
N GLU A 177 -19.67 -2.18 -5.85
CA GLU A 177 -19.14 -3.51 -6.14
C GLU A 177 -18.29 -3.97 -4.95
N MET A 178 -17.42 -3.08 -4.45
CA MET A 178 -16.55 -3.38 -3.32
C MET A 178 -17.21 -3.08 -1.95
N THR A 179 -18.25 -3.86 -1.64
CA THR A 179 -18.99 -3.72 -0.40
C THR A 179 -18.21 -4.44 0.70
N PRO A 180 -18.62 -4.27 1.98
CA PRO A 180 -17.91 -4.93 3.10
C PRO A 180 -17.84 -6.46 2.88
N THR A 181 -18.97 -7.07 2.52
CA THR A 181 -19.01 -8.51 2.25
C THR A 181 -18.11 -8.92 1.06
N LYS A 182 -18.19 -8.18 -0.04
CA LYS A 182 -17.39 -8.50 -1.22
C LYS A 182 -15.89 -8.38 -0.92
N PHE A 183 -15.48 -7.32 -0.23
CA PHE A 183 -14.07 -7.13 0.12
C PHE A 183 -13.58 -8.36 0.91
N ALA A 184 -14.35 -8.75 1.92
CA ALA A 184 -14.02 -9.90 2.77
C ALA A 184 -13.87 -11.19 1.97
N GLU A 185 -14.78 -11.42 1.04
CA GLU A 185 -14.75 -12.61 0.20
C GLU A 185 -13.54 -12.61 -0.75
N ILE A 186 -13.19 -11.45 -1.30
CA ILE A 186 -12.03 -11.37 -2.19
C ILE A 186 -10.75 -11.63 -1.37
N VAL A 187 -10.62 -10.99 -0.20
CA VAL A 187 -9.44 -11.20 0.64
C VAL A 187 -9.32 -12.67 1.06
N GLU A 188 -10.44 -13.26 1.47
CA GLU A 188 -10.46 -14.66 1.89
C GLU A 188 -9.93 -15.58 0.79
N GLU A 189 -10.39 -15.38 -0.45
CA GLU A 189 -9.94 -16.21 -1.54
C GLU A 189 -8.47 -16.00 -1.88
N ASN A 190 -7.97 -14.79 -1.70
CA ASN A 190 -6.56 -14.53 -1.98
C ASN A 190 -5.65 -15.13 -0.93
N LEU A 191 -6.05 -15.06 0.32
CA LEU A 191 -5.24 -15.61 1.41
C LEU A 191 -5.22 -17.13 1.29
N LYS A 192 -6.39 -17.72 1.07
CA LYS A 192 -6.50 -19.17 0.94
C LYS A 192 -5.74 -19.74 -0.25
N SER A 193 -5.60 -18.97 -1.32
CA SER A 193 -4.84 -19.45 -2.47
C SER A 193 -3.36 -19.36 -2.12
N ALA A 194 -3.01 -18.42 -1.26
CA ALA A 194 -1.62 -18.24 -0.88
C ALA A 194 -1.06 -19.29 0.07
N SER A 195 -1.90 -19.88 0.92
CA SER A 195 -1.41 -20.86 1.88
C SER A 195 -2.56 -21.63 2.51
N ILE A 196 -2.31 -22.91 2.84
CA ILE A 196 -3.33 -23.73 3.48
C ILE A 196 -3.31 -23.53 5.00
N LYS A 197 -2.30 -22.81 5.49
CA LYS A 197 -2.14 -22.55 6.92
C LYS A 197 -2.88 -21.28 7.35
N THR A 198 -4.13 -21.15 6.89
CA THR A 198 -4.92 -19.97 7.15
C THR A 198 -6.35 -20.26 7.58
N ASP A 199 -6.93 -19.31 8.32
CA ASP A 199 -8.32 -19.37 8.80
C ASP A 199 -8.89 -17.98 8.62
N VAL A 200 -10.09 -17.90 8.06
CA VAL A 200 -10.73 -16.61 7.83
C VAL A 200 -12.13 -16.66 8.42
N PHE A 201 -12.51 -15.60 9.12
CA PHE A 201 -13.85 -15.50 9.71
C PHE A 201 -14.45 -14.16 9.29
N ILE A 202 -15.49 -14.20 8.47
CA ILE A 202 -16.21 -13.00 8.03
C ILE A 202 -17.34 -12.85 9.06
N ARG A 203 -16.99 -12.30 10.22
CA ARG A 203 -17.91 -12.10 11.33
C ARG A 203 -19.09 -11.19 10.97
N PRO A 204 -20.33 -11.66 11.19
CA PRO A 204 -21.55 -10.90 10.90
C PRO A 204 -21.97 -9.95 12.01
N LYS A 205 -22.99 -9.13 11.73
CA LYS A 205 -23.49 -8.14 12.68
C LYS A 205 -23.81 -8.69 14.08
N SER A 206 -24.40 -9.88 14.16
CA SER A 206 -24.75 -10.49 15.44
C SER A 206 -23.49 -10.74 16.28
N TRP A 207 -22.41 -11.12 15.62
CA TRP A 207 -21.15 -11.36 16.32
C TRP A 207 -20.64 -10.00 16.81
N ILE A 208 -20.70 -9.00 15.95
CA ILE A 208 -20.25 -7.64 16.30
C ILE A 208 -21.02 -7.14 17.53
N GLU A 209 -22.31 -7.43 17.57
CA GLU A 209 -23.15 -7.04 18.70
C GLU A 209 -22.75 -7.83 19.96
N GLU A 210 -22.39 -9.10 19.80
CA GLU A 210 -21.98 -9.93 20.94
C GLU A 210 -20.67 -9.45 21.53
N GLN A 211 -19.80 -8.92 20.67
CA GLN A 211 -18.51 -8.39 21.07
C GLN A 211 -18.60 -6.96 21.65
N GLU A 212 -19.83 -6.47 21.78
CA GLU A 212 -20.08 -5.16 22.35
C GLU A 212 -19.34 -4.03 21.67
N MET A 213 -19.27 -4.11 20.34
CA MET A 213 -18.61 -3.08 19.55
C MET A 213 -19.58 -1.96 19.15
N GLY A 214 -20.09 -1.27 20.16
CA GLY A 214 -21.06 -0.19 19.96
C GLY A 214 -20.54 0.99 19.17
N SER A 215 -19.23 1.24 19.24
CA SER A 215 -18.65 2.34 18.48
C SER A 215 -18.68 2.02 16.99
N PHE A 216 -18.25 0.80 16.62
CA PHE A 216 -18.22 0.35 15.22
C PHE A 216 -19.67 0.28 14.71
N LEU A 217 -20.58 -0.23 15.53
CA LEU A 217 -21.98 -0.34 15.14
C LEU A 217 -22.66 1.01 14.87
N SER A 218 -22.33 2.03 15.66
CA SER A 218 -22.94 3.34 15.46
C SER A 218 -22.67 3.88 14.08
N VAL A 219 -21.49 3.60 13.54
CA VAL A 219 -21.11 4.06 12.20
C VAL A 219 -21.87 3.30 11.09
N ALA A 220 -21.87 1.98 11.20
CA ALA A 220 -22.52 1.12 10.21
C ALA A 220 -24.02 1.29 10.04
N LYS A 221 -24.73 1.49 11.15
CA LYS A 221 -26.19 1.59 11.13
C LYS A 221 -26.84 2.58 10.15
N GLY A 222 -26.14 3.67 9.83
CA GLY A 222 -26.71 4.65 8.91
C GLY A 222 -26.98 4.13 7.52
N SER A 223 -26.26 3.08 7.12
CA SER A 223 -26.36 2.50 5.79
C SER A 223 -27.17 1.20 5.74
N GLU A 224 -27.73 0.88 4.57
CA GLU A 224 -28.47 -0.37 4.36
C GLU A 224 -27.52 -1.55 4.06
N GLU A 225 -26.26 -1.26 3.78
CA GLU A 225 -25.27 -2.28 3.47
C GLU A 225 -24.78 -2.92 4.79
N PRO A 226 -24.93 -4.25 4.93
CA PRO A 226 -24.50 -4.93 6.15
C PRO A 226 -23.03 -4.82 6.46
N PRO A 227 -22.70 -4.63 7.74
CA PRO A 227 -21.30 -4.53 8.17
C PRO A 227 -20.75 -5.92 8.43
N VAL A 228 -19.43 -6.08 8.34
CA VAL A 228 -18.76 -7.34 8.67
C VAL A 228 -17.44 -7.01 9.39
N PHE A 229 -16.97 -7.92 10.24
CA PHE A 229 -15.69 -7.69 10.91
C PHE A 229 -14.80 -8.81 10.40
N LEU A 230 -13.88 -8.48 9.51
CA LEU A 230 -12.99 -9.48 8.93
C LEU A 230 -11.84 -9.83 9.86
N GLU A 231 -11.69 -11.13 10.14
CA GLU A 231 -10.62 -11.63 10.99
C GLU A 231 -9.88 -12.72 10.22
N ILE A 232 -8.58 -12.53 10.03
CA ILE A 232 -7.78 -13.52 9.30
C ILE A 232 -6.58 -14.01 10.10
N HIS A 233 -6.30 -15.31 10.01
CA HIS A 233 -5.16 -15.89 10.73
C HIS A 233 -4.19 -16.57 9.77
N TYR A 234 -2.90 -16.27 9.90
CA TYR A 234 -1.86 -16.92 9.13
C TYR A 234 -0.96 -17.58 10.17
N LYS A 235 -1.00 -18.91 10.23
CA LYS A 235 -0.22 -19.69 11.20
C LYS A 235 1.10 -20.17 10.61
N GLY A 236 2.03 -19.25 10.38
CA GLY A 236 3.30 -19.62 9.77
C GLY A 236 4.41 -20.03 10.72
N SER A 237 4.27 -19.76 12.00
CA SER A 237 5.31 -20.13 12.95
C SER A 237 5.30 -21.64 13.22
N PRO A 238 6.48 -22.23 13.48
CA PRO A 238 6.62 -23.66 13.77
C PRO A 238 5.90 -23.95 15.10
N ASN A 239 5.97 -22.98 16.00
CA ASN A 239 5.30 -23.08 17.31
C ASN A 239 3.97 -22.37 17.23
N ALA A 240 2.90 -23.14 17.28
CA ALA A 240 1.56 -22.62 17.19
C ALA A 240 1.18 -21.68 18.32
N SER A 241 1.82 -21.81 19.48
CA SER A 241 1.52 -20.96 20.63
C SER A 241 2.27 -19.64 20.58
N GLU A 242 3.15 -19.50 19.59
CA GLU A 242 3.92 -18.28 19.47
C GLU A 242 2.96 -17.10 19.28
N PRO A 243 3.10 -16.06 20.14
CA PRO A 243 2.26 -14.86 20.08
C PRO A 243 2.30 -14.25 18.66
N PRO A 244 1.13 -13.84 18.14
CA PRO A 244 1.09 -13.25 16.80
C PRO A 244 1.37 -11.77 16.70
N LEU A 245 1.70 -11.33 15.50
CA LEU A 245 1.86 -9.91 15.23
C LEU A 245 0.44 -9.60 14.75
N VAL A 246 -0.17 -8.53 15.25
CA VAL A 246 -1.54 -8.18 14.84
C VAL A 246 -1.58 -6.93 13.98
N PHE A 247 -2.32 -7.00 12.87
CA PHE A 247 -2.52 -5.87 11.97
C PHE A 247 -4.01 -5.51 11.99
N VAL A 248 -4.32 -4.22 12.04
CA VAL A 248 -5.71 -3.70 12.05
C VAL A 248 -5.89 -2.67 10.94
N GLY A 249 -7.00 -2.74 10.21
CA GLY A 249 -7.22 -1.80 9.12
C GLY A 249 -8.62 -1.20 9.06
N LYS A 250 -8.68 0.11 8.85
CA LYS A 250 -9.96 0.82 8.73
C LYS A 250 -10.62 0.42 7.39
N GLY A 251 -11.78 -0.20 7.45
CA GLY A 251 -12.46 -0.62 6.23
C GLY A 251 -13.76 0.08 5.88
N ILE A 252 -13.75 1.40 5.72
CA ILE A 252 -14.96 2.12 5.35
C ILE A 252 -15.02 1.99 3.82
N THR A 253 -15.94 1.17 3.33
CA THR A 253 -16.06 0.94 1.89
C THR A 253 -16.51 2.18 1.10
N PHE A 254 -17.23 3.07 1.78
CA PHE A 254 -17.61 4.37 1.24
C PHE A 254 -17.90 5.34 2.36
N ASP A 255 -17.26 6.50 2.30
CA ASP A 255 -17.46 7.55 3.30
C ASP A 255 -18.10 8.82 2.69
N SER A 256 -19.39 9.01 2.98
CA SER A 256 -20.14 10.17 2.53
C SER A 256 -20.02 11.25 3.61
N GLY A 257 -19.60 10.83 4.80
CA GLY A 257 -19.48 11.74 5.94
C GLY A 257 -20.64 11.56 6.92
N GLY A 258 -21.75 11.02 6.44
CA GLY A 258 -22.93 10.82 7.29
C GLY A 258 -23.70 12.12 7.42
N ILE A 259 -24.30 12.36 8.59
CA ILE A 259 -25.05 13.60 8.82
C ILE A 259 -24.13 14.82 8.68
N SER A 260 -22.86 14.69 9.09
CA SER A 260 -21.85 15.74 8.93
C SER A 260 -21.34 15.49 7.49
N ILE A 261 -22.24 15.62 6.51
CA ILE A 261 -21.99 15.31 5.10
C ILE A 261 -20.85 16.02 4.38
N LYS A 262 -20.12 15.27 3.54
CA LYS A 262 -19.01 15.82 2.78
C LYS A 262 -19.48 16.65 1.59
N ALA A 263 -18.58 17.50 1.08
CA ALA A 263 -18.88 18.32 -0.10
C ALA A 263 -18.82 17.38 -1.31
N ALA A 264 -19.52 17.72 -2.38
CA ALA A 264 -19.56 16.87 -3.58
C ALA A 264 -18.24 16.67 -4.31
N ALA A 265 -17.45 17.73 -4.43
CA ALA A 265 -16.20 17.70 -5.17
C ALA A 265 -15.25 16.55 -4.80
N ASN A 266 -14.99 15.69 -5.78
CA ASN A 266 -14.09 14.55 -5.63
C ASN A 266 -14.48 13.56 -4.55
N MET A 267 -15.75 13.54 -4.16
CA MET A 267 -16.16 12.60 -3.13
C MET A 267 -16.05 11.15 -3.62
N ASP A 268 -15.98 10.95 -4.94
CA ASP A 268 -15.85 9.58 -5.50
C ASP A 268 -14.60 8.89 -4.95
N LEU A 269 -13.56 9.65 -4.62
CA LEU A 269 -12.32 9.08 -4.09
C LEU A 269 -12.52 8.39 -2.76
N MET A 270 -13.64 8.65 -2.09
CA MET A 270 -13.95 8.03 -0.80
C MET A 270 -14.28 6.54 -0.89
N ARG A 271 -14.35 6.02 -2.12
CA ARG A 271 -14.55 4.58 -2.30
C ARG A 271 -13.24 3.91 -1.81
N ALA A 272 -12.17 4.69 -1.67
CA ALA A 272 -10.89 4.13 -1.19
C ALA A 272 -10.65 4.32 0.30
N ASP A 273 -11.70 4.66 1.04
CA ASP A 273 -11.59 4.88 2.48
C ASP A 273 -11.45 3.55 3.27
N MET A 274 -11.23 2.48 2.50
CA MET A 274 -10.97 1.15 3.03
C MET A 274 -9.49 0.77 2.71
N GLY A 275 -8.69 1.79 2.36
CA GLY A 275 -7.29 1.55 2.03
C GLY A 275 -6.49 0.94 3.16
N GLY A 276 -6.86 1.26 4.41
CA GLY A 276 -6.16 0.73 5.57
C GLY A 276 -6.33 -0.79 5.58
N ALA A 277 -7.57 -1.22 5.39
CA ALA A 277 -7.88 -2.65 5.34
C ALA A 277 -7.24 -3.32 4.13
N ALA A 278 -7.25 -2.64 2.97
CA ALA A 278 -6.66 -3.20 1.77
C ALA A 278 -5.15 -3.46 1.92
N THR A 279 -4.42 -2.49 2.46
CA THR A 279 -2.97 -2.64 2.62
C THR A 279 -2.53 -3.69 3.65
N ILE A 280 -3.12 -3.71 4.84
CA ILE A 280 -2.72 -4.71 5.84
C ILE A 280 -3.11 -6.11 5.42
N CYS A 281 -4.24 -6.24 4.73
CA CYS A 281 -4.71 -7.55 4.25
C CYS A 281 -3.83 -8.07 3.12
N SER A 282 -3.45 -7.19 2.19
CA SER A 282 -2.61 -7.61 1.06
C SER A 282 -1.24 -7.99 1.57
N ALA A 283 -0.79 -7.28 2.60
CA ALA A 283 0.50 -7.57 3.20
C ALA A 283 0.50 -8.98 3.80
N ILE A 284 -0.62 -9.35 4.43
CA ILE A 284 -0.73 -10.68 5.04
C ILE A 284 -0.80 -11.79 3.97
N VAL A 285 -1.42 -11.48 2.83
CA VAL A 285 -1.52 -12.44 1.72
C VAL A 285 -0.12 -12.72 1.16
N SER A 286 0.65 -11.66 0.97
CA SER A 286 2.01 -11.79 0.46
C SER A 286 2.90 -12.56 1.44
N ALA A 287 2.84 -12.19 2.73
CA ALA A 287 3.63 -12.86 3.76
C ALA A 287 3.31 -14.36 3.76
N ALA A 288 2.04 -14.67 3.50
CA ALA A 288 1.55 -16.04 3.43
C ALA A 288 2.11 -16.73 2.17
N LYS A 289 2.17 -16.01 1.04
CA LYS A 289 2.72 -16.61 -0.18
C LYS A 289 4.21 -16.94 0.05
N LEU A 290 4.86 -16.06 0.78
CA LEU A 290 6.28 -16.20 1.12
C LEU A 290 6.52 -17.26 2.20
N ASP A 291 5.44 -17.77 2.79
CA ASP A 291 5.49 -18.74 3.89
C ASP A 291 6.44 -18.26 5.01
N LEU A 292 6.31 -17.00 5.41
CA LEU A 292 7.15 -16.48 6.49
C LEU A 292 6.82 -17.28 7.75
N PRO A 293 7.85 -17.69 8.51
CA PRO A 293 7.65 -18.46 9.74
C PRO A 293 7.22 -17.66 10.96
N ILE A 294 6.13 -16.93 10.84
CA ILE A 294 5.62 -16.15 11.94
C ILE A 294 4.10 -16.23 11.92
N ASN A 295 3.49 -16.09 13.10
CA ASN A 295 2.03 -16.11 13.23
C ASN A 295 1.54 -14.66 13.05
N ILE A 296 0.51 -14.46 12.25
CA ILE A 296 -0.03 -13.13 12.02
C ILE A 296 -1.55 -13.13 12.06
N VAL A 297 -2.12 -12.10 12.69
CA VAL A 297 -3.58 -11.94 12.75
C VAL A 297 -3.92 -10.58 12.09
N GLY A 298 -4.94 -10.58 11.24
CA GLY A 298 -5.40 -9.37 10.56
C GLY A 298 -6.83 -9.08 10.95
N LEU A 299 -7.12 -7.85 11.32
CA LEU A 299 -8.47 -7.46 11.75
C LEU A 299 -8.93 -6.26 10.95
N ALA A 300 -10.14 -6.31 10.39
CA ALA A 300 -10.66 -5.20 9.59
C ALA A 300 -12.16 -4.95 9.73
N PRO A 301 -12.55 -3.96 10.54
CA PRO A 301 -13.98 -3.67 10.67
C PRO A 301 -14.39 -3.02 9.33
N LEU A 302 -15.46 -3.49 8.72
CA LEU A 302 -15.89 -2.95 7.42
C LEU A 302 -17.36 -2.53 7.37
N CYS A 303 -17.60 -1.32 6.87
CA CYS A 303 -18.96 -0.78 6.74
C CYS A 303 -18.96 0.50 5.91
N GLU A 304 -20.15 1.04 5.66
CA GLU A 304 -20.32 2.28 4.92
C GLU A 304 -20.73 3.36 5.91
N ASN A 305 -20.44 4.63 5.60
CA ASN A 305 -20.82 5.75 6.45
C ASN A 305 -21.78 6.58 5.59
N MET A 306 -23.08 6.40 5.82
CA MET A 306 -24.14 7.06 5.05
C MET A 306 -25.17 7.85 5.88
N PRO A 307 -25.84 8.85 5.26
CA PRO A 307 -26.84 9.67 5.95
C PRO A 307 -28.20 9.01 5.76
N SER A 308 -29.01 8.98 6.82
CA SER A 308 -30.33 8.36 6.74
C SER A 308 -31.12 8.63 8.01
N GLY A 309 -32.33 8.05 8.08
CA GLY A 309 -33.19 8.20 9.23
C GLY A 309 -32.72 7.47 10.48
N LYS A 310 -31.63 6.71 10.38
CA LYS A 310 -31.13 5.99 11.54
C LYS A 310 -29.61 6.18 11.72
N ALA A 311 -29.06 7.15 11.03
CA ALA A 311 -27.62 7.42 11.12
C ALA A 311 -27.17 8.08 12.43
N ASN A 312 -25.85 8.05 12.66
CA ASN A 312 -25.21 8.67 13.82
C ASN A 312 -25.60 10.15 13.80
N LYS A 313 -25.95 10.71 14.94
CA LYS A 313 -26.31 12.12 14.99
C LYS A 313 -25.24 12.85 15.82
N PRO A 314 -24.80 14.03 15.37
CA PRO A 314 -23.80 14.79 16.11
C PRO A 314 -24.22 14.97 17.57
N GLY A 315 -23.30 14.69 18.49
CA GLY A 315 -23.58 14.81 19.91
C GLY A 315 -23.93 13.48 20.57
N ASP A 316 -24.24 12.45 19.78
CA ASP A 316 -24.60 11.15 20.32
C ASP A 316 -23.42 10.55 21.11
N VAL A 317 -23.71 9.78 22.15
CA VAL A 317 -22.64 9.15 22.95
C VAL A 317 -22.71 7.63 22.78
N VAL A 318 -21.60 7.00 22.38
CA VAL A 318 -21.55 5.56 22.14
C VAL A 318 -20.52 4.88 23.06
N ARG A 319 -20.74 3.60 23.36
CA ARG A 319 -19.85 2.87 24.26
C ARG A 319 -18.95 1.89 23.53
N ALA A 320 -17.64 2.04 23.68
CA ALA A 320 -16.70 1.13 23.04
C ALA A 320 -16.68 -0.18 23.80
N ARG A 321 -16.14 -1.20 23.15
CA ARG A 321 -16.01 -2.55 23.69
C ARG A 321 -15.39 -2.54 25.09
N ASN A 322 -14.39 -1.67 25.30
CA ASN A 322 -13.72 -1.55 26.59
C ASN A 322 -14.48 -0.72 27.63
N GLY A 323 -15.69 -0.26 27.28
CA GLY A 323 -16.49 0.51 28.22
C GLY A 323 -16.31 2.01 28.20
N LYS A 324 -15.32 2.52 27.47
CA LYS A 324 -15.15 3.96 27.42
C LYS A 324 -16.25 4.58 26.57
N THR A 325 -16.71 5.76 26.97
CA THR A 325 -17.77 6.46 26.23
C THR A 325 -17.13 7.46 25.28
N ILE A 326 -17.78 7.67 24.13
CA ILE A 326 -17.27 8.59 23.10
C ILE A 326 -18.40 9.51 22.63
N GLN A 327 -18.13 10.82 22.62
CA GLN A 327 -19.10 11.79 22.13
C GLN A 327 -18.81 11.97 20.64
N VAL A 328 -19.78 11.61 19.80
CA VAL A 328 -19.63 11.73 18.35
C VAL A 328 -20.00 13.14 17.88
N ASP A 329 -19.09 14.09 18.07
CA ASP A 329 -19.33 15.47 17.66
C ASP A 329 -19.40 15.67 16.14
N ASN A 330 -18.62 14.89 15.39
CA ASN A 330 -18.62 14.97 13.93
C ASN A 330 -18.69 13.52 13.39
N THR A 331 -19.77 13.20 12.68
CA THR A 331 -19.95 11.85 12.14
C THR A 331 -18.98 11.44 11.03
N ASP A 332 -18.23 12.40 10.49
CA ASP A 332 -17.26 12.15 9.43
C ASP A 332 -15.90 11.75 10.03
N ALA A 333 -15.79 11.78 11.36
CA ALA A 333 -14.55 11.33 12.02
C ALA A 333 -14.93 9.91 12.45
N GLU A 334 -15.36 9.11 11.47
CA GLU A 334 -15.83 7.74 11.73
C GLU A 334 -14.77 6.65 11.82
N GLY A 335 -13.61 6.88 11.22
CA GLY A 335 -12.57 5.86 11.26
C GLY A 335 -12.06 5.59 12.65
N ARG A 336 -11.90 6.64 13.44
CA ARG A 336 -11.40 6.46 14.81
C ARG A 336 -12.42 5.72 15.65
N LEU A 337 -13.70 5.82 15.27
CA LEU A 337 -14.76 5.13 15.99
C LEU A 337 -14.70 3.62 15.74
N ILE A 338 -14.57 3.21 14.48
CA ILE A 338 -14.54 1.79 14.18
C ILE A 338 -13.23 1.17 14.64
N LEU A 339 -12.15 1.95 14.60
CA LEU A 339 -10.84 1.47 15.03
C LEU A 339 -10.75 1.29 16.56
N ALA A 340 -11.53 2.08 17.31
CA ALA A 340 -11.51 1.96 18.78
C ALA A 340 -11.85 0.53 19.18
N ASP A 341 -12.88 -0.01 18.53
CA ASP A 341 -13.32 -1.37 18.82
C ASP A 341 -12.38 -2.42 18.29
N ALA A 342 -11.85 -2.23 17.09
CA ALA A 342 -10.91 -3.18 16.51
C ALA A 342 -9.61 -3.25 17.33
N LEU A 343 -9.14 -2.11 17.82
CA LEU A 343 -7.91 -2.08 18.60
C LEU A 343 -8.12 -2.74 19.97
N CYS A 344 -9.30 -2.55 20.57
CA CYS A 344 -9.58 -3.18 21.85
C CYS A 344 -9.51 -4.70 21.61
N TYR A 345 -10.20 -5.18 20.58
CA TYR A 345 -10.23 -6.61 20.26
C TYR A 345 -8.84 -7.20 20.00
N ALA A 346 -7.96 -6.43 19.36
CA ALA A 346 -6.60 -6.86 19.07
C ALA A 346 -5.83 -7.33 20.32
N HIS A 347 -6.12 -6.72 21.47
CA HIS A 347 -5.43 -7.10 22.69
C HIS A 347 -5.74 -8.54 23.14
N THR A 348 -6.89 -9.06 22.72
CA THR A 348 -7.28 -10.41 23.12
C THR A 348 -6.36 -11.48 22.55
N PHE A 349 -5.57 -11.17 21.54
CA PHE A 349 -4.66 -12.15 20.95
C PHE A 349 -3.30 -12.14 21.64
N ASN A 350 -3.16 -11.26 22.64
CA ASN A 350 -1.90 -11.07 23.35
C ASN A 350 -0.76 -11.06 22.33
N PRO A 351 -0.78 -10.06 21.44
CA PRO A 351 0.20 -9.87 20.36
C PRO A 351 1.58 -9.38 20.76
N LYS A 352 2.53 -9.57 19.86
CA LYS A 352 3.92 -9.14 20.02
C LYS A 352 4.00 -7.65 19.68
N VAL A 353 3.26 -7.24 18.65
CA VAL A 353 3.20 -5.85 18.21
C VAL A 353 1.80 -5.63 17.63
N ILE A 354 1.37 -4.38 17.59
CA ILE A 354 0.07 -4.04 17.01
C ILE A 354 0.30 -2.92 16.01
N ILE A 355 -0.08 -3.16 14.77
CA ILE A 355 0.07 -2.16 13.70
C ILE A 355 -1.28 -1.92 13.01
N ASN A 356 -1.75 -0.67 13.03
CA ASN A 356 -3.00 -0.36 12.34
C ASN A 356 -2.68 0.62 11.24
N ALA A 357 -3.49 0.60 10.18
CA ALA A 357 -3.31 1.50 9.04
C ALA A 357 -4.67 2.07 8.73
N ALA A 358 -4.72 3.34 8.35
CA ALA A 358 -6.00 3.98 8.04
C ALA A 358 -5.85 5.24 7.20
N THR A 359 -6.78 5.42 6.25
CA THR A 359 -6.84 6.63 5.41
C THR A 359 -7.68 7.51 6.36
N LEU A 360 -7.04 7.96 7.44
CA LEU A 360 -7.74 8.66 8.50
C LEU A 360 -8.07 10.14 8.46
N THR A 361 -7.10 11.00 8.18
CA THR A 361 -7.39 12.42 8.24
C THR A 361 -6.97 13.21 7.03
N GLY A 362 -7.75 14.24 6.71
CA GLY A 362 -7.39 15.12 5.62
C GLY A 362 -6.14 15.90 6.07
N ALA A 363 -6.00 16.07 7.38
CA ALA A 363 -4.86 16.79 7.95
C ALA A 363 -3.51 16.11 7.61
N MET A 364 -3.49 14.80 7.51
CA MET A 364 -2.25 14.08 7.19
C MET A 364 -1.85 14.44 5.76
N ASP A 365 -2.82 14.53 4.85
CA ASP A 365 -2.50 14.89 3.46
C ASP A 365 -1.94 16.32 3.43
N ILE A 366 -2.57 17.21 4.19
CA ILE A 366 -2.08 18.59 4.28
C ILE A 366 -0.67 18.59 4.88
N ALA A 367 -0.40 17.69 5.83
CA ALA A 367 0.90 17.61 6.49
C ALA A 367 2.08 17.14 5.62
N LEU A 368 1.96 15.96 5.00
CA LEU A 368 3.04 15.40 4.18
C LEU A 368 2.68 15.02 2.74
N GLY A 369 1.41 15.13 2.36
CA GLY A 369 1.02 14.76 1.01
C GLY A 369 1.34 13.29 0.70
N SER A 370 1.79 13.02 -0.53
CA SER A 370 2.13 11.66 -0.92
C SER A 370 3.63 11.36 -0.76
N GLY A 371 4.35 12.24 -0.06
CA GLY A 371 5.77 12.03 0.13
C GLY A 371 6.09 10.84 1.03
N ALA A 372 5.31 10.67 2.10
CA ALA A 372 5.52 9.58 3.05
C ALA A 372 4.29 9.29 3.88
N THR A 373 4.21 8.08 4.42
CA THR A 373 3.11 7.68 5.29
C THR A 373 3.47 8.18 6.68
N GLY A 374 2.50 8.74 7.42
CA GLY A 374 2.75 9.24 8.76
C GLY A 374 2.66 8.10 9.76
N VAL A 375 3.68 7.96 10.62
CA VAL A 375 3.70 6.90 11.61
C VAL A 375 3.75 7.45 13.03
N PHE A 376 2.74 7.09 13.83
CA PHE A 376 2.64 7.50 15.22
C PHE A 376 2.89 6.23 16.04
N THR A 377 3.89 6.23 16.92
CA THR A 377 4.18 5.02 17.70
C THR A 377 4.76 5.27 19.09
N ASN A 378 4.46 4.39 20.02
CA ASN A 378 4.96 4.50 21.39
C ASN A 378 6.24 3.67 21.56
N SER A 379 6.76 3.15 20.45
CA SER A 379 7.96 2.33 20.46
C SER A 379 8.98 2.77 19.40
N SER A 380 10.12 3.28 19.85
CA SER A 380 11.16 3.70 18.92
C SER A 380 11.79 2.51 18.21
N TRP A 381 11.75 1.34 18.84
CA TRP A 381 12.26 0.11 18.24
C TRP A 381 11.43 -0.18 16.98
N LEU A 382 10.11 -0.11 17.17
CA LEU A 382 9.14 -0.36 16.11
C LEU A 382 9.28 0.69 15.00
N TRP A 383 9.43 1.96 15.38
CA TRP A 383 9.61 3.03 14.39
C TRP A 383 10.82 2.71 13.54
N ASN A 384 11.91 2.32 14.20
CA ASN A 384 13.12 2.01 13.47
C ASN A 384 13.02 0.84 12.48
N LYS A 385 12.29 -0.20 12.85
CA LYS A 385 12.09 -1.35 11.98
C LYS A 385 11.29 -0.94 10.73
N LEU A 386 10.22 -0.17 10.93
CA LEU A 386 9.40 0.31 9.80
C LEU A 386 10.21 1.26 8.91
N PHE A 387 11.00 2.12 9.54
CA PHE A 387 11.82 3.08 8.81
C PHE A 387 12.86 2.36 7.94
N GLU A 388 13.57 1.40 8.53
CA GLU A 388 14.58 0.63 7.78
C GLU A 388 13.98 -0.10 6.60
N ALA A 389 12.82 -0.71 6.81
CA ALA A 389 12.14 -1.42 5.74
C ALA A 389 11.80 -0.48 4.57
N SER A 390 11.31 0.72 4.89
CA SER A 390 10.93 1.70 3.89
C SER A 390 12.09 2.19 3.03
N ILE A 391 13.29 2.20 3.61
CA ILE A 391 14.48 2.65 2.85
C ILE A 391 14.71 1.68 1.69
N GLU A 392 14.48 0.38 1.94
CA GLU A 392 14.64 -0.66 0.94
C GLU A 392 13.57 -0.65 -0.16
N THR A 393 12.30 -0.49 0.24
CA THR A 393 11.20 -0.48 -0.71
C THR A 393 11.00 0.84 -1.47
N GLY A 394 11.42 1.94 -0.84
CA GLY A 394 11.25 3.24 -1.44
C GLY A 394 9.88 3.85 -1.12
N ASP A 395 8.99 3.06 -0.51
CA ASP A 395 7.64 3.53 -0.12
C ASP A 395 7.83 4.05 1.30
N ARG A 396 8.29 5.30 1.38
CA ARG A 396 8.65 5.96 2.62
C ARG A 396 7.67 6.21 3.76
N VAL A 397 8.22 6.21 4.98
CA VAL A 397 7.48 6.49 6.22
C VAL A 397 8.17 7.67 6.93
N TRP A 398 7.41 8.43 7.69
CA TRP A 398 7.93 9.60 8.41
C TRP A 398 7.21 9.61 9.76
N ARG A 399 7.96 9.73 10.84
CA ARG A 399 7.40 9.70 12.20
C ARG A 399 6.67 10.97 12.59
N MET A 400 5.52 10.81 13.24
CA MET A 400 4.71 11.94 13.72
C MET A 400 4.57 11.76 15.24
N PRO A 401 4.46 12.88 16.00
CA PRO A 401 4.36 12.87 17.47
C PRO A 401 3.14 12.32 18.21
N LEU A 402 3.41 11.49 19.22
CA LEU A 402 2.38 10.92 20.09
C LEU A 402 2.60 11.58 21.46
N PHE A 403 2.19 12.83 21.61
CA PHE A 403 2.39 13.59 22.84
C PHE A 403 1.10 13.70 23.64
N GLU A 404 1.21 13.80 24.96
CA GLU A 404 0.04 13.95 25.83
C GLU A 404 -0.64 15.29 25.51
N HIS A 405 0.14 16.24 24.99
CA HIS A 405 -0.39 17.55 24.59
C HIS A 405 -1.64 17.36 23.71
N TYR A 406 -1.61 16.39 22.81
CA TYR A 406 -2.74 16.12 21.89
C TYR A 406 -3.87 15.34 22.58
N THR A 407 -3.52 14.47 23.52
CA THR A 407 -4.51 13.67 24.26
C THR A 407 -5.46 14.59 25.04
N ARG A 408 -4.89 15.66 25.57
CA ARG A 408 -5.63 16.63 26.35
C ARG A 408 -6.77 17.25 25.56
N GLN A 409 -6.55 17.41 24.26
CA GLN A 409 -7.57 18.00 23.39
C GLN A 409 -8.75 17.08 23.05
N VAL A 410 -8.61 15.79 23.30
CA VAL A 410 -9.68 14.83 23.03
C VAL A 410 -10.38 14.33 24.32
N ILE A 411 -9.68 14.39 25.44
CA ILE A 411 -10.31 13.94 26.68
C ILE A 411 -11.06 15.09 27.35
N ASP A 412 -10.83 16.32 26.89
CA ASP A 412 -11.58 17.47 27.39
C ASP A 412 -12.89 17.26 26.63
N CYS A 413 -13.88 16.64 27.28
CA CYS A 413 -15.13 16.32 26.62
C CYS A 413 -16.38 16.65 27.47
N GLN A 414 -17.34 17.35 26.88
CA GLN A 414 -18.57 17.76 27.57
C GLN A 414 -19.42 16.64 28.18
N LEU A 415 -19.72 15.63 27.36
CA LEU A 415 -20.60 14.55 27.79
C LEU A 415 -20.02 13.19 28.07
N ALA A 416 -18.82 12.91 27.56
CA ALA A 416 -18.27 11.57 27.73
C ALA A 416 -16.80 11.48 28.06
N ASP A 417 -16.27 10.26 28.06
CA ASP A 417 -14.87 10.02 28.36
C ASP A 417 -13.94 10.63 27.32
N VAL A 418 -14.28 10.51 26.05
CA VAL A 418 -13.43 11.06 25.01
C VAL A 418 -14.28 11.60 23.84
N ASN A 419 -13.82 12.69 23.22
CA ASN A 419 -14.51 13.34 22.09
C ASN A 419 -13.89 12.89 20.77
N ASN A 420 -14.72 12.62 19.75
CA ASN A 420 -14.18 12.15 18.47
C ASN A 420 -13.57 13.19 17.51
N ILE A 421 -13.47 14.44 17.95
CA ILE A 421 -12.80 15.52 17.21
C ILE A 421 -12.22 16.43 18.28
N GLY A 422 -11.04 16.99 18.04
CA GLY A 422 -10.43 17.84 19.05
C GLY A 422 -11.11 19.19 19.29
N LYS A 423 -10.71 19.86 20.37
CA LYS A 423 -11.24 21.17 20.72
C LYS A 423 -10.91 22.20 19.65
N TYR A 424 -9.74 22.03 19.04
CA TYR A 424 -9.24 22.95 18.00
C TYR A 424 -9.06 22.20 16.68
N ARG A 425 -8.94 22.95 15.59
CA ARG A 425 -8.74 22.34 14.28
C ARG A 425 -7.26 22.06 13.98
N SER A 426 -6.36 22.57 14.80
CA SER A 426 -4.93 22.35 14.59
C SER A 426 -4.53 20.90 14.86
N ALA A 427 -3.49 20.43 14.16
CA ALA A 427 -2.93 19.09 14.33
C ALA A 427 -3.91 17.92 14.27
N GLY A 428 -4.79 17.95 13.26
CA GLY A 428 -5.80 16.93 13.06
C GLY A 428 -5.31 15.49 13.11
N ALA A 429 -4.21 15.21 12.42
CA ALA A 429 -3.69 13.84 12.44
C ALA A 429 -3.16 13.45 13.82
N CYS A 430 -2.56 14.40 14.55
CA CYS A 430 -2.03 14.11 15.90
C CYS A 430 -3.11 13.84 16.97
N THR A 431 -4.21 14.59 16.91
CA THR A 431 -5.31 14.42 17.86
C THR A 431 -6.07 13.12 17.53
N ALA A 432 -6.16 12.77 16.25
CA ALA A 432 -6.83 11.52 15.86
C ALA A 432 -6.02 10.35 16.42
N ALA A 433 -4.69 10.45 16.28
CA ALA A 433 -3.78 9.43 16.80
C ALA A 433 -3.90 9.36 18.34
N ALA A 434 -4.01 10.51 18.98
CA ALA A 434 -4.15 10.56 20.45
C ALA A 434 -5.43 9.84 20.84
N PHE A 435 -6.51 10.07 20.08
CA PHE A 435 -7.79 9.41 20.34
C PHE A 435 -7.59 7.88 20.30
N LEU A 436 -6.88 7.38 19.28
CA LEU A 436 -6.66 5.94 19.15
C LEU A 436 -5.88 5.35 20.34
N LYS A 437 -4.93 6.13 20.86
CA LYS A 437 -4.09 5.70 21.97
C LYS A 437 -4.90 5.39 23.24
N GLU A 438 -6.07 6.01 23.38
CA GLU A 438 -6.94 5.77 24.51
C GLU A 438 -7.52 4.36 24.47
N PHE A 439 -7.33 3.67 23.36
CA PHE A 439 -7.85 2.32 23.21
C PHE A 439 -6.71 1.31 23.06
N VAL A 440 -5.51 1.74 23.44
CA VAL A 440 -4.34 0.89 23.34
C VAL A 440 -3.54 0.91 24.63
N THR A 441 -3.22 -0.27 25.16
CA THR A 441 -2.38 -0.39 26.36
C THR A 441 -1.10 -1.19 26.03
N HIS A 442 -0.89 -1.54 24.76
CA HIS A 442 0.25 -2.33 24.35
C HIS A 442 1.54 -1.50 24.25
N PRO A 443 2.70 -2.09 24.61
CA PRO A 443 3.99 -1.38 24.56
C PRO A 443 4.61 -1.17 23.17
N LYS A 444 4.10 -1.87 22.16
CA LYS A 444 4.62 -1.75 20.80
C LYS A 444 3.48 -1.62 19.81
N TRP A 445 2.95 -0.40 19.72
CA TRP A 445 1.84 -0.10 18.81
C TRP A 445 2.24 1.01 17.85
N ALA A 446 1.91 0.84 16.57
CA ALA A 446 2.18 1.86 15.55
C ALA A 446 0.92 2.14 14.77
N HIS A 447 0.62 3.41 14.55
CA HIS A 447 -0.55 3.85 13.79
C HIS A 447 -0.03 4.49 12.52
N LEU A 448 -0.50 3.99 11.37
CA LEU A 448 -0.10 4.51 10.07
C LEU A 448 -1.27 5.26 9.42
N ASP A 449 -1.12 6.57 9.24
CA ASP A 449 -2.17 7.38 8.59
C ASP A 449 -1.72 7.49 7.14
N ILE A 450 -2.44 6.79 6.25
CA ILE A 450 -2.12 6.74 4.82
C ILE A 450 -3.01 7.57 3.91
N ALA A 451 -3.74 8.54 4.48
CA ALA A 451 -4.64 9.41 3.73
C ALA A 451 -3.92 10.18 2.60
N GLY A 452 -2.69 10.61 2.87
CA GLY A 452 -1.92 11.33 1.88
C GLY A 452 -1.31 10.48 0.76
N VAL A 453 -1.15 9.18 0.98
CA VAL A 453 -0.59 8.32 -0.06
C VAL A 453 -1.67 7.42 -0.66
N MET A 454 -2.93 7.87 -0.56
CA MET A 454 -4.06 7.10 -1.07
C MET A 454 -4.04 7.01 -2.60
N THR A 455 -3.67 8.12 -3.24
CA THR A 455 -3.68 8.19 -4.69
C THR A 455 -2.37 8.60 -5.28
N ASN A 456 -2.27 8.42 -6.58
CA ASN A 456 -1.10 8.81 -7.34
C ASN A 456 -1.57 9.50 -8.61
N LYS A 457 -0.96 10.64 -8.90
CA LYS A 457 -1.22 11.39 -10.12
C LYS A 457 0.01 11.11 -10.96
N ASP A 458 1.17 11.54 -10.46
CA ASP A 458 2.44 11.34 -11.15
C ASP A 458 3.67 11.41 -10.24
N GLU A 459 3.44 11.48 -8.92
CA GLU A 459 4.52 11.59 -7.94
C GLU A 459 5.48 10.40 -7.96
N VAL A 460 4.89 9.19 -7.97
CA VAL A 460 5.65 7.94 -8.04
C VAL A 460 5.61 7.61 -9.53
N PRO A 461 6.75 7.72 -10.21
CA PRO A 461 6.86 7.43 -11.66
C PRO A 461 6.30 6.11 -12.14
N TYR A 462 6.56 5.04 -11.40
CA TYR A 462 6.10 3.69 -11.77
C TYR A 462 4.66 3.30 -11.45
N LEU A 463 3.85 4.25 -10.99
CA LEU A 463 2.44 3.96 -10.71
C LEU A 463 1.60 4.85 -11.62
N ARG A 464 0.67 4.27 -12.37
CA ARG A 464 -0.20 5.06 -13.24
C ARG A 464 -1.16 5.82 -12.33
N LYS A 465 -1.89 6.76 -12.92
CA LYS A 465 -2.86 7.59 -12.19
C LYS A 465 -3.97 6.76 -11.54
N GLY A 466 -4.20 6.94 -10.24
CA GLY A 466 -5.23 6.19 -9.56
C GLY A 466 -4.84 5.82 -8.13
N MET A 467 -5.56 4.87 -7.53
CA MET A 467 -5.27 4.45 -6.16
C MET A 467 -3.90 3.79 -6.12
N ALA A 468 -3.08 4.18 -5.15
CA ALA A 468 -1.71 3.70 -5.06
C ALA A 468 -1.39 2.38 -4.36
N GLY A 469 -2.19 1.98 -3.38
CA GLY A 469 -1.90 0.73 -2.68
C GLY A 469 -0.71 0.84 -1.74
N ARG A 470 -0.35 2.06 -1.38
CA ARG A 470 0.77 2.31 -0.48
C ARG A 470 0.30 2.27 1.00
N PRO A 471 1.16 1.81 1.92
CA PRO A 471 2.53 1.31 1.73
C PRO A 471 2.66 -0.22 1.89
N THR A 472 1.96 -0.97 1.06
CA THR A 472 1.98 -2.44 1.12
C THR A 472 3.36 -3.12 1.18
N ARG A 473 4.25 -2.74 0.26
CA ARG A 473 5.59 -3.34 0.18
C ARG A 473 6.46 -3.07 1.42
N THR A 474 6.25 -1.91 2.04
CA THR A 474 7.01 -1.59 3.25
C THR A 474 6.55 -2.51 4.37
N LEU A 475 5.25 -2.78 4.40
CA LEU A 475 4.66 -3.70 5.38
C LEU A 475 5.19 -5.13 5.17
N ILE A 476 5.26 -5.56 3.91
CA ILE A 476 5.77 -6.90 3.59
C ILE A 476 7.24 -7.03 3.99
N GLU A 477 8.02 -5.99 3.67
CA GLU A 477 9.44 -5.98 3.99
C GLU A 477 9.68 -6.05 5.49
N PHE A 478 8.84 -5.33 6.25
CA PHE A 478 8.93 -5.31 7.70
C PHE A 478 8.73 -6.73 8.25
N LEU A 479 7.69 -7.40 7.77
CA LEU A 479 7.37 -8.75 8.20
C LEU A 479 8.50 -9.71 7.81
N PHE A 480 9.09 -9.52 6.64
CA PHE A 480 10.17 -10.37 6.17
C PHE A 480 11.39 -10.30 7.09
N ARG A 481 11.80 -9.07 7.39
CA ARG A 481 12.93 -8.84 8.25
C ARG A 481 12.64 -9.31 9.67
N PHE A 482 11.38 -9.16 10.08
CA PHE A 482 10.99 -9.58 11.42
C PHE A 482 11.09 -11.10 11.57
N SER A 483 10.77 -11.82 10.50
CA SER A 483 10.82 -13.26 10.57
C SER A 483 12.24 -13.82 10.61
N GLN A 484 13.23 -13.00 10.26
CA GLN A 484 14.62 -13.42 10.26
C GLN A 484 15.45 -12.99 11.46
ZN ZN B . -15.00 10.41 7.40
ZN ZN C . -13.14 8.00 6.58
ZN ZN D . -12.95 0.47 -3.25
N LEU E . -12.10 9.52 5.06
CA LEU E . -11.39 10.47 5.94
C LEU E . -12.35 10.88 7.10
O LEU E . -12.96 9.74 7.67
CB LEU E . -11.01 11.72 5.16
CG LEU E . -10.05 11.45 3.97
CD1 LEU E . -9.43 12.69 3.39
CD2 LEU E . -9.01 10.39 4.23
OXT LEU E . -13.46 11.58 6.53
C1 MRD F . 14.24 8.17 -12.36
C2 MRD F . 13.82 9.52 -11.74
O2 MRD F . 12.40 9.62 -11.82
CM MRD F . 14.47 10.66 -12.54
C3 MRD F . 14.27 9.63 -10.26
C4 MRD F . 13.78 8.54 -9.30
O4 MRD F . 12.34 8.53 -9.31
C5 MRD F . 14.32 8.80 -7.87
C1 MRD G . 14.34 12.76 -23.79
C2 MRD G . 15.31 12.33 -24.89
O2 MRD G . 15.94 11.19 -24.36
CM MRD G . 16.38 13.40 -25.25
C3 MRD G . 14.57 11.95 -26.21
C4 MRD G . 13.66 10.70 -26.21
O4 MRD G . 14.47 9.57 -26.01
C5 MRD G . 12.93 10.48 -27.54
C1 MRD H . -3.67 -18.44 17.69
C2 MRD H . -4.35 -17.26 16.94
O2 MRD H . -3.76 -16.01 17.29
CM MRD H . -5.86 -17.15 17.36
C3 MRD H . -4.09 -17.40 15.42
C4 MRD H . -2.59 -17.46 15.06
O4 MRD H . -1.80 -16.92 16.09
C5 MRD H . -2.30 -16.70 13.79
#